data_6B33
#
_entry.id   6B33
#
_cell.length_a   99.211
_cell.length_b   99.211
_cell.length_c   126.332
_cell.angle_alpha   90.000
_cell.angle_beta   90.000
_cell.angle_gamma   120.000
#
_symmetry.space_group_name_H-M   'P 61'
#
loop_
_entity.id
_entity.type
_entity.pdbx_description
1 polymer 'Nuclear receptor ROR-gamma'
2 non-polymer (2R)-N~2~-(3-chloro-4-cyanophenyl)-N~4~-[3-(cyclopropylmethyl)-2,4-dioxo-1-(propan-2-yl)-1,2,3,4-tetrahydroquinazolin-6-yl]morpholine-2,4-dicarboxamide
3 water water
#
_entity_poly.entity_id   1
_entity_poly.type   'polypeptide(L)'
_entity_poly.pdbx_seq_one_letter_code
;ASLTEIEHLVQSVCKSYRETCQLRLEDLLRQRSNIFSREEVTGYQRKSMWEMWERCAHHLTEAIQYVVEFAKRLSGFMEL
CQNDQIVLLKAGAMEVVLVRMCRAYNADNRTVFFEGKYGGMELFRALGCSELISSIFDFSHSLSALHFSEDEIALYTALV
LINAHRPGLQEKRKVEQLQYNLELAFHHHLCKTHRQSILAKLPPKGKLRSLCSQHVER
;
_entity_poly.pdbx_strand_id   A,B
#
loop_
_chem_comp.id
_chem_comp.type
_chem_comp.name
_chem_comp.formula
CF7 non-polymer (2R)-N~2~-(3-chloro-4-cyanophenyl)-N~4~-[3-(cyclopropylmethyl)-2,4-dioxo-1-(propan-2-yl)-1,2,3,4-tetrahydroquinazolin-6-yl]morpholine-2,4-dicarboxamide 'C28 H29 Cl N6 O5'
#
# COMPACT_ATOMS: atom_id res chain seq x y z
N ALA A 1 11.65 -33.49 -2.50
CA ALA A 1 12.06 -32.40 -3.44
C ALA A 1 12.85 -32.97 -4.64
N SER A 2 12.13 -33.51 -5.64
CA SER A 2 12.73 -34.18 -6.83
C SER A 2 13.17 -33.19 -7.92
N LEU A 3 13.78 -33.70 -8.99
CA LEU A 3 14.27 -32.84 -10.06
C LEU A 3 13.12 -32.12 -10.77
N THR A 4 12.07 -32.86 -11.13
CA THR A 4 10.93 -32.24 -11.82
C THR A 4 10.17 -31.23 -10.95
N GLU A 5 10.07 -31.48 -9.64
CA GLU A 5 9.45 -30.51 -8.71
C GLU A 5 10.31 -29.26 -8.50
N ILE A 6 11.62 -29.45 -8.39
CA ILE A 6 12.54 -28.33 -8.32
C ILE A 6 12.47 -27.47 -9.58
N GLU A 7 12.43 -28.13 -10.73
CA GLU A 7 12.22 -27.44 -12.01
C GLU A 7 10.84 -26.80 -12.14
N HIS A 8 9.82 -27.42 -11.57
CA HIS A 8 8.49 -26.84 -11.46
C HIS A 8 8.58 -25.50 -10.71
N LEU A 9 9.35 -25.50 -9.64
CA LEU A 9 9.52 -24.34 -8.77
C LEU A 9 10.26 -23.20 -9.47
N VAL A 10 11.40 -23.55 -10.07
CA VAL A 10 12.18 -22.62 -10.87
C VAL A 10 11.26 -21.89 -11.86
N GLN A 11 10.50 -22.67 -12.63
CA GLN A 11 9.55 -22.11 -13.61
C GLN A 11 8.50 -21.23 -12.96
N SER A 12 8.02 -21.69 -11.81
CA SER A 12 6.98 -20.97 -11.06
C SER A 12 7.47 -19.62 -10.57
N VAL A 13 8.68 -19.60 -9.98
CA VAL A 13 9.26 -18.36 -9.46
C VAL A 13 9.53 -17.37 -10.59
N CYS A 14 9.98 -17.87 -11.75
CA CYS A 14 10.27 -17.01 -12.90
C CYS A 14 9.00 -16.47 -13.52
N LYS A 15 7.93 -17.23 -13.51
CA LYS A 15 6.64 -16.70 -13.96
C LYS A 15 6.12 -15.57 -13.04
N SER A 16 6.27 -15.78 -11.74
CA SER A 16 5.87 -14.79 -10.73
C SER A 16 6.58 -13.47 -10.90
N TYR A 17 7.91 -13.53 -11.06
CA TYR A 17 8.68 -12.33 -11.34
C TYR A 17 8.21 -11.65 -12.64
N ARG A 18 8.06 -12.42 -13.70
CA ARG A 18 7.61 -11.89 -15.00
C ARG A 18 6.29 -11.13 -14.87
N GLU A 19 5.38 -11.69 -14.08
CA GLU A 19 4.08 -11.09 -13.90
C GLU A 19 4.13 -9.86 -13.00
N THR A 20 5.21 -9.66 -12.26
CA THR A 20 5.29 -8.59 -11.27
C THR A 20 6.53 -7.70 -11.37
N CYS A 21 7.13 -7.60 -12.55
CA CYS A 21 8.46 -6.96 -12.67
C CYS A 21 8.36 -5.45 -12.86
N GLN A 22 7.15 -4.94 -13.00
CA GLN A 22 6.88 -3.48 -12.94
C GLN A 22 7.05 -2.84 -14.31
N LEU A 23 8.27 -2.91 -14.85
CA LEU A 23 8.54 -2.55 -16.23
C LEU A 23 9.26 -3.73 -16.90
N ARG A 24 8.92 -3.95 -18.17
CA ARG A 24 9.60 -4.93 -19.00
C ARG A 24 11.08 -4.56 -19.24
N LEU A 25 11.96 -5.54 -19.16
CA LEU A 25 13.36 -5.37 -19.52
C LEU A 25 13.46 -4.73 -20.91
N GLU A 26 12.62 -5.19 -21.83
CA GLU A 26 12.66 -4.76 -23.24
C GLU A 26 12.45 -3.25 -23.32
N ASP A 27 11.48 -2.74 -22.58
CA ASP A 27 11.20 -1.30 -22.55
C ASP A 27 12.38 -0.49 -21.96
N LEU A 28 12.97 -1.01 -20.89
CA LEU A 28 14.10 -0.36 -20.25
C LEU A 28 15.31 -0.25 -21.19
N LEU A 29 15.58 -1.33 -21.93
CA LEU A 29 16.74 -1.35 -22.83
C LEU A 29 16.65 -0.40 -24.00
N ARG A 30 15.48 -0.28 -24.61
CA ARG A 30 15.34 0.57 -25.79
C ARG A 30 15.10 2.04 -25.43
N GLN A 31 14.76 2.31 -24.17
CA GLN A 31 14.66 3.68 -23.65
C GLN A 31 16.01 4.26 -23.22
N ARG A 32 17.08 3.47 -23.28
CA ARG A 32 18.42 3.91 -22.87
C ARG A 32 18.91 5.13 -23.61
N SER A 33 18.52 5.27 -24.88
CA SER A 33 18.85 6.47 -25.66
C SER A 33 18.00 7.73 -25.30
N ASN A 34 17.01 7.58 -24.42
CA ASN A 34 16.16 8.69 -23.98
C ASN A 34 16.73 9.20 -22.64
N ILE A 35 17.62 10.18 -22.75
CA ILE A 35 18.41 10.71 -21.65
C ILE A 35 18.02 12.14 -21.35
N PHE A 36 17.81 12.43 -20.06
CA PHE A 36 17.48 13.78 -19.61
C PHE A 36 18.51 14.81 -20.13
N SER A 37 18.01 15.87 -20.76
CA SER A 37 18.84 16.99 -21.20
C SER A 37 19.45 17.72 -20.01
N ARG A 38 20.42 18.57 -20.28
CA ARG A 38 21.01 19.41 -19.26
C ARG A 38 20.00 20.36 -18.57
N GLU A 39 18.98 20.80 -19.33
CA GLU A 39 17.96 21.69 -18.81
CA GLU A 39 17.95 21.70 -18.78
C GLU A 39 17.01 20.95 -17.87
N GLU A 40 16.75 19.68 -18.17
CA GLU A 40 15.86 18.86 -17.36
C GLU A 40 16.52 18.41 -16.07
N VAL A 41 17.80 18.07 -16.15
CA VAL A 41 18.55 17.69 -14.95
C VAL A 41 18.57 18.87 -13.98
N THR A 42 18.90 20.06 -14.50
CA THR A 42 18.85 21.29 -13.72
C THR A 42 17.46 21.51 -13.09
N GLY A 43 16.40 21.14 -13.79
CA GLY A 43 15.03 21.26 -13.30
C GLY A 43 14.77 20.41 -12.08
N TYR A 44 15.21 19.14 -12.14
CA TYR A 44 15.24 18.26 -10.96
C TYR A 44 16.18 18.74 -9.87
N GLN A 45 17.33 19.29 -10.23
CA GLN A 45 18.25 19.82 -9.22
C GLN A 45 17.68 21.01 -8.44
N ARG A 46 16.85 21.80 -9.08
CA ARG A 46 16.28 22.99 -8.45
C ARG A 46 15.15 22.68 -7.45
N LYS A 47 14.54 21.52 -7.60
CA LYS A 47 13.44 21.09 -6.74
C LYS A 47 13.85 21.02 -5.27
N SER A 48 12.90 21.28 -4.38
CA SER A 48 13.10 21.14 -2.97
C SER A 48 13.45 19.68 -2.63
N MET A 49 14.26 19.50 -1.60
CA MET A 49 14.44 18.17 -0.99
C MET A 49 13.09 17.52 -0.65
N TRP A 50 12.15 18.32 -0.15
CA TRP A 50 10.82 17.81 0.20
C TRP A 50 10.04 17.30 -1.00
N GLU A 51 10.14 17.95 -2.15
CA GLU A 51 9.51 17.43 -3.35
C GLU A 51 10.18 16.14 -3.80
N MET A 52 11.52 16.13 -3.86
CA MET A 52 12.25 14.93 -4.25
C MET A 52 11.98 13.76 -3.29
N TRP A 53 11.90 14.04 -1.98
CA TRP A 53 11.55 12.99 -0.99
CA TRP A 53 11.56 12.99 -1.00
C TRP A 53 10.20 12.36 -1.34
N GLU A 54 9.20 13.22 -1.62
CA GLU A 54 7.85 12.77 -2.04
C GLU A 54 7.81 11.96 -3.34
N ARG A 55 8.44 12.48 -4.39
CA ARG A 55 8.53 11.73 -5.62
C ARG A 55 9.15 10.37 -5.38
N CYS A 56 10.30 10.35 -4.72
CA CYS A 56 11.04 9.11 -4.47
C CYS A 56 10.25 8.16 -3.57
N ALA A 57 9.62 8.70 -2.53
CA ALA A 57 8.75 7.91 -1.65
C ALA A 57 7.62 7.25 -2.40
N HIS A 58 7.06 7.98 -3.37
CA HIS A 58 5.98 7.50 -4.22
C HIS A 58 6.47 6.34 -5.05
N HIS A 59 7.57 6.53 -5.74
CA HIS A 59 8.07 5.50 -6.63
C HIS A 59 8.44 4.27 -5.81
N LEU A 60 9.07 4.50 -4.64
CA LEU A 60 9.49 3.41 -3.77
C LEU A 60 8.31 2.63 -3.23
N THR A 61 7.24 3.31 -2.86
CA THR A 61 6.04 2.65 -2.38
C THR A 61 5.48 1.78 -3.47
N GLU A 62 5.40 2.32 -4.66
CA GLU A 62 4.92 1.59 -5.83
C GLU A 62 5.78 0.35 -6.04
N ALA A 63 7.09 0.49 -5.97
CA ALA A 63 7.98 -0.64 -6.21
C ALA A 63 7.78 -1.76 -5.19
N ILE A 64 7.54 -1.38 -3.94
CA ILE A 64 7.28 -2.34 -2.88
C ILE A 64 5.97 -3.08 -3.12
N GLN A 65 4.94 -2.40 -3.60
CA GLN A 65 3.68 -3.07 -3.95
C GLN A 65 3.88 -4.21 -4.96
N TYR A 66 4.68 -3.95 -5.98
CA TYR A 66 5.09 -4.98 -6.94
C TYR A 66 5.85 -6.14 -6.28
N VAL A 67 6.69 -5.84 -5.31
CA VAL A 67 7.42 -6.88 -4.58
C VAL A 67 6.50 -7.72 -3.68
N VAL A 68 5.47 -7.10 -3.12
CA VAL A 68 4.51 -7.79 -2.31
C VAL A 68 3.72 -8.73 -3.18
N GLU A 69 3.19 -8.20 -4.28
CA GLU A 69 2.59 -8.99 -5.36
C GLU A 69 3.45 -10.18 -5.79
N PHE A 70 4.75 -9.93 -5.93
CA PHE A 70 5.68 -11.01 -6.24
C PHE A 70 5.68 -12.08 -5.16
N ALA A 71 5.74 -11.65 -3.89
CA ALA A 71 5.78 -12.54 -2.74
C ALA A 71 4.51 -13.39 -2.62
N LYS A 72 3.36 -12.75 -2.80
CA LYS A 72 2.07 -13.44 -2.77
C LYS A 72 1.98 -14.60 -3.76
N ARG A 73 2.73 -14.51 -4.87
CA ARG A 73 2.76 -15.53 -5.90
C ARG A 73 3.79 -16.62 -5.65
N LEU A 74 4.72 -16.42 -4.71
CA LEU A 74 5.71 -17.45 -4.39
C LEU A 74 5.06 -18.61 -3.70
N SER A 75 5.33 -19.79 -4.24
CA SER A 75 4.86 -21.06 -3.68
C SER A 75 5.23 -21.13 -2.21
N GLY A 76 4.23 -21.21 -1.35
CA GLY A 76 4.48 -21.44 0.05
C GLY A 76 4.40 -20.18 0.88
N PHE A 77 4.65 -19.03 0.26
CA PHE A 77 4.61 -17.76 1.00
C PHE A 77 3.24 -17.52 1.65
N MET A 78 2.17 -17.75 0.91
CA MET A 78 0.81 -17.56 1.46
C MET A 78 0.46 -18.62 2.51
N GLU A 79 1.08 -19.78 2.41
CA GLU A 79 0.87 -20.86 3.38
C GLU A 79 1.51 -20.56 4.76
N LEU A 80 2.43 -19.59 4.81
CA LEU A 80 3.03 -19.13 6.06
C LEU A 80 2.02 -18.34 6.84
N CYS A 81 2.25 -18.23 8.14
CA CYS A 81 1.31 -17.52 9.02
C CYS A 81 1.42 -16.02 8.81
N GLN A 82 0.37 -15.32 9.22
CA GLN A 82 0.23 -13.88 8.98
C GLN A 82 1.41 -13.06 9.50
N ASN A 83 1.92 -13.41 10.68
CA ASN A 83 3.02 -12.66 11.32
C ASN A 83 4.34 -12.80 10.55
N ASP A 84 4.66 -14.02 10.11
CA ASP A 84 5.87 -14.32 9.32
C ASP A 84 5.92 -13.65 7.92
N GLN A 85 4.77 -13.51 7.27
CA GLN A 85 4.69 -12.76 6.01
C GLN A 85 5.08 -11.30 6.20
N ILE A 86 4.62 -10.71 7.32
CA ILE A 86 4.95 -9.33 7.63
C ILE A 86 6.45 -9.22 7.93
N VAL A 87 6.95 -10.13 8.77
CA VAL A 87 8.36 -10.10 9.20
C VAL A 87 9.27 -10.19 7.98
N LEU A 88 8.97 -11.12 7.07
CA LEU A 88 9.75 -11.28 5.84
C LEU A 88 9.66 -10.08 4.90
N LEU A 89 8.47 -9.51 4.76
CA LEU A 89 8.29 -8.37 3.86
C LEU A 89 8.92 -7.12 4.43
N LYS A 90 8.83 -6.94 5.76
CA LYS A 90 9.35 -5.71 6.39
C LYS A 90 10.88 -5.67 6.30
N ALA A 91 11.51 -6.83 6.48
CA ALA A 91 12.98 -6.93 6.44
C ALA A 91 13.57 -7.02 5.04
N GLY A 92 12.76 -7.42 4.05
CA GLY A 92 13.27 -7.81 2.73
C GLY A 92 12.83 -7.02 1.51
N ALA A 93 11.67 -6.41 1.57
CA ALA A 93 11.08 -5.71 0.43
C ALA A 93 12.02 -4.65 -0.20
N MET A 94 12.58 -3.79 0.64
CA MET A 94 13.46 -2.76 0.13
C MET A 94 14.76 -3.31 -0.47
N GLU A 95 15.29 -4.37 0.13
CA GLU A 95 16.45 -5.06 -0.43
C GLU A 95 16.10 -5.64 -1.81
N VAL A 96 14.91 -6.18 -1.99
CA VAL A 96 14.48 -6.64 -3.32
C VAL A 96 14.45 -5.49 -4.32
N VAL A 97 13.89 -4.35 -3.92
CA VAL A 97 13.78 -3.20 -4.81
C VAL A 97 15.16 -2.76 -5.22
N LEU A 98 16.09 -2.75 -4.29
CA LEU A 98 17.45 -2.38 -4.63
C LEU A 98 18.12 -3.29 -5.68
N VAL A 99 17.84 -4.58 -5.63
CA VAL A 99 18.34 -5.53 -6.61
C VAL A 99 17.66 -5.30 -7.94
N ARG A 100 16.33 -5.19 -7.91
CA ARG A 100 15.55 -4.82 -9.13
C ARG A 100 16.02 -3.57 -9.91
N MET A 101 16.69 -2.65 -9.24
CA MET A 101 17.16 -1.41 -9.85
C MET A 101 18.15 -1.65 -10.95
N CYS A 102 18.96 -2.71 -10.85
CA CYS A 102 20.04 -2.94 -11.81
C CYS A 102 19.55 -3.15 -13.25
N ARG A 103 18.31 -3.62 -13.39
CA ARG A 103 17.65 -3.69 -14.68
C ARG A 103 17.45 -2.33 -15.29
N ALA A 104 17.23 -1.33 -14.47
CA ALA A 104 16.98 0.03 -14.95
C ALA A 104 18.25 0.90 -15.01
N TYR A 105 19.41 0.29 -14.83
CA TYR A 105 20.67 1.03 -14.72
C TYR A 105 21.51 0.74 -15.96
N ASN A 106 22.15 1.76 -16.50
CA ASN A 106 22.96 1.64 -17.70
C ASN A 106 24.40 1.99 -17.34
N ALA A 107 25.27 0.96 -17.31
CA ALA A 107 26.71 1.12 -17.03
C ALA A 107 27.52 1.91 -18.07
N ASP A 108 27.08 1.90 -19.32
CA ASP A 108 27.75 2.67 -20.37
C ASP A 108 27.91 4.12 -20.01
N ASN A 109 26.84 4.71 -19.48
CA ASN A 109 26.81 6.13 -19.13
C ASN A 109 26.48 6.44 -17.65
N ARG A 110 26.43 5.42 -16.79
CA ARG A 110 26.11 5.56 -15.38
C ARG A 110 24.79 6.31 -15.11
N THR A 111 23.73 5.88 -15.77
CA THR A 111 22.41 6.50 -15.62
C THR A 111 21.38 5.45 -15.24
N VAL A 112 20.27 5.93 -14.69
CA VAL A 112 19.17 5.08 -14.24
C VAL A 112 17.87 5.66 -14.76
N PHE A 113 16.90 4.78 -15.03
CA PHE A 113 15.54 5.19 -15.46
C PHE A 113 14.76 5.79 -14.29
N PHE A 114 14.29 7.02 -14.51
CA PHE A 114 13.53 7.76 -13.54
C PHE A 114 12.60 8.67 -14.27
N GLU A 115 11.31 8.45 -14.05
CA GLU A 115 10.23 9.29 -14.57
C GLU A 115 10.33 9.56 -16.06
N GLY A 116 10.48 8.49 -16.83
CA GLY A 116 10.34 8.55 -18.27
C GLY A 116 11.63 8.60 -19.03
N LYS A 117 12.75 8.94 -18.37
CA LYS A 117 14.06 9.02 -19.04
C LYS A 117 15.20 8.57 -18.15
N TYR A 118 16.36 8.36 -18.77
CA TYR A 118 17.58 8.05 -18.05
C TYR A 118 18.29 9.33 -17.59
N GLY A 119 18.76 9.31 -16.34
CA GLY A 119 19.67 10.31 -15.81
C GLY A 119 20.67 9.73 -14.82
N GLY A 120 21.75 10.47 -14.59
CA GLY A 120 22.78 10.12 -13.66
C GLY A 120 22.45 10.56 -12.26
N MET A 121 23.38 10.29 -11.35
CA MET A 121 23.18 10.57 -9.93
C MET A 121 22.98 12.04 -9.60
N GLU A 122 23.57 12.92 -10.37
CA GLU A 122 23.37 14.35 -10.15
C GLU A 122 21.86 14.77 -10.17
N LEU A 123 21.02 13.97 -10.80
CA LEU A 123 19.56 14.18 -10.81
C LEU A 123 18.96 14.32 -9.40
N PHE A 124 19.52 13.60 -8.44
CA PHE A 124 19.06 13.55 -7.04
C PHE A 124 19.85 14.46 -6.09
N ARG A 125 20.55 15.45 -6.65
CA ARG A 125 21.33 16.42 -5.88
C ARG A 125 20.54 17.06 -4.70
N ALA A 126 19.28 17.43 -4.94
CA ALA A 126 18.47 18.09 -3.89
C ALA A 126 18.28 17.28 -2.61
N LEU A 127 18.33 15.95 -2.67
CA LEU A 127 18.29 15.14 -1.44
C LEU A 127 19.48 15.42 -0.49
N GLY A 128 20.59 15.95 -0.99
CA GLY A 128 21.72 16.23 -0.12
C GLY A 128 22.34 15.03 0.60
N CYS A 129 22.39 13.88 -0.08
CA CYS A 129 23.23 12.78 0.37
C CYS A 129 23.77 11.99 -0.82
N SER A 130 24.89 12.47 -1.33
CA SER A 130 25.53 11.94 -2.51
C SER A 130 26.36 10.71 -2.23
N GLU A 131 26.80 10.54 -0.98
CA GLU A 131 27.48 9.30 -0.60
C GLU A 131 26.50 8.11 -0.69
N LEU A 132 25.36 8.24 -0.05
CA LEU A 132 24.35 7.21 -0.16
C LEU A 132 23.96 6.90 -1.62
N ILE A 133 23.65 7.94 -2.37
CA ILE A 133 23.28 7.79 -3.77
C ILE A 133 24.39 7.26 -4.69
N SER A 134 25.65 7.64 -4.51
CA SER A 134 26.69 7.05 -5.38
C SER A 134 26.92 5.58 -5.04
N SER A 135 26.83 5.23 -3.77
CA SER A 135 27.00 3.84 -3.38
C SER A 135 25.87 2.95 -3.88
N ILE A 136 24.65 3.50 -3.99
CA ILE A 136 23.53 2.79 -4.63
C ILE A 136 23.81 2.61 -6.12
N PHE A 137 24.26 3.68 -6.76
CA PHE A 137 24.75 3.62 -8.13
C PHE A 137 25.92 2.62 -8.33
N ASP A 138 26.87 2.59 -7.39
CA ASP A 138 27.95 1.60 -7.44
C ASP A 138 27.38 0.20 -7.30
N PHE A 139 26.40 0.02 -6.40
CA PHE A 139 25.80 -1.31 -6.23
C PHE A 139 25.19 -1.78 -7.52
N SER A 140 24.31 -0.96 -8.09
CA SER A 140 23.71 -1.26 -9.37
C SER A 140 24.73 -1.47 -10.51
N HIS A 141 25.88 -0.81 -10.40
CA HIS A 141 26.96 -0.99 -11.38
C HIS A 141 27.53 -2.40 -11.34
N SER A 142 27.82 -2.90 -10.14
CA SER A 142 28.30 -4.27 -9.93
C SER A 142 27.38 -5.32 -10.51
N LEU A 143 26.08 -5.19 -10.26
CA LEU A 143 25.12 -6.16 -10.75
C LEU A 143 24.90 -6.07 -12.25
N SER A 144 25.08 -4.89 -12.84
CA SER A 144 24.99 -4.79 -14.31
C SER A 144 26.20 -5.47 -14.98
N ALA A 145 27.37 -5.39 -14.36
CA ALA A 145 28.57 -6.08 -14.84
C ALA A 145 28.40 -7.60 -14.92
N LEU A 146 27.59 -8.19 -14.03
CA LEU A 146 27.28 -9.62 -14.09
C LEU A 146 26.30 -9.98 -15.22
N HIS A 147 25.59 -8.99 -15.78
CA HIS A 147 24.55 -9.21 -16.78
C HIS A 147 23.44 -10.11 -16.26
N PHE A 148 22.98 -9.77 -15.06
CA PHE A 148 21.93 -10.50 -14.35
C PHE A 148 20.74 -10.74 -15.28
N SER A 149 20.43 -11.99 -15.60
CA SER A 149 19.23 -12.32 -16.38
C SER A 149 17.93 -12.13 -15.56
N GLU A 150 16.79 -12.05 -16.25
CA GLU A 150 15.49 -11.89 -15.59
C GLU A 150 15.21 -12.99 -14.59
N ASP A 151 15.51 -14.21 -14.99
CA ASP A 151 15.27 -15.37 -14.14
C ASP A 151 16.26 -15.48 -12.96
N GLU A 152 17.51 -15.05 -13.16
CA GLU A 152 18.46 -14.83 -12.04
C GLU A 152 17.90 -13.84 -10.98
N ILE A 153 17.43 -12.68 -11.45
CA ILE A 153 16.81 -11.71 -10.56
C ILE A 153 15.65 -12.36 -9.79
N ALA A 154 14.74 -12.98 -10.52
CA ALA A 154 13.61 -13.70 -9.92
C ALA A 154 14.05 -14.65 -8.79
N LEU A 155 15.03 -15.47 -9.10
CA LEU A 155 15.45 -16.50 -8.17
C LEU A 155 16.25 -15.95 -6.98
N TYR A 156 17.16 -15.03 -7.25
CA TYR A 156 17.92 -14.36 -6.19
C TYR A 156 17.01 -13.53 -5.27
N THR A 157 16.09 -12.75 -5.85
CA THR A 157 15.22 -11.90 -5.04
C THR A 157 14.20 -12.71 -4.27
N ALA A 158 13.87 -13.90 -4.74
CA ALA A 158 13.05 -14.84 -3.97
C ALA A 158 13.79 -15.24 -2.70
N LEU A 159 15.09 -15.54 -2.83
CA LEU A 159 15.92 -15.87 -1.67
C LEU A 159 16.20 -14.70 -0.70
N VAL A 160 16.23 -13.48 -1.21
CA VAL A 160 16.36 -12.31 -0.36
C VAL A 160 15.14 -12.18 0.59
N LEU A 161 13.94 -12.41 0.06
CA LEU A 161 12.74 -12.44 0.90
C LEU A 161 12.66 -13.61 1.90
N ILE A 162 12.85 -14.84 1.40
CA ILE A 162 12.58 -16.03 2.18
C ILE A 162 13.87 -16.47 2.89
N ASN A 163 14.14 -15.73 3.96
CA ASN A 163 15.34 -15.88 4.75
C ASN A 163 14.88 -16.26 6.15
N ALA A 164 15.23 -17.46 6.59
CA ALA A 164 14.81 -18.01 7.88
C ALA A 164 15.55 -17.49 9.12
N HIS A 165 16.44 -16.52 8.96
CA HIS A 165 17.13 -15.86 10.08
C HIS A 165 16.64 -14.44 10.33
N ARG A 166 15.52 -14.05 9.76
CA ARG A 166 14.92 -12.76 10.08
C ARG A 166 14.37 -12.84 11.51
N PRO A 167 14.72 -11.89 12.40
CA PRO A 167 14.22 -11.96 13.78
C PRO A 167 12.70 -11.83 13.88
N GLY A 168 12.07 -12.64 14.72
CA GLY A 168 10.64 -12.54 15.00
C GLY A 168 9.75 -13.53 14.28
N LEU A 169 10.32 -14.59 13.70
CA LEU A 169 9.54 -15.60 13.01
C LEU A 169 8.98 -16.61 14.00
N GLN A 170 7.68 -16.86 13.91
CA GLN A 170 7.02 -17.86 14.77
C GLN A 170 7.23 -19.28 14.26
N GLU A 171 7.39 -19.44 12.94
CA GLU A 171 7.53 -20.75 12.32
C GLU A 171 8.83 -20.81 11.52
N LYS A 172 9.94 -20.63 12.22
CA LYS A 172 11.29 -20.72 11.61
C LYS A 172 11.44 -21.95 10.69
N ARG A 173 11.02 -23.13 11.16
CA ARG A 173 11.18 -24.38 10.40
C ARG A 173 10.48 -24.35 9.03
N LYS A 174 9.28 -23.80 8.97
CA LYS A 174 8.52 -23.70 7.72
C LYS A 174 9.21 -22.78 6.73
N VAL A 175 9.88 -21.75 7.23
CA VAL A 175 10.62 -20.84 6.39
C VAL A 175 11.96 -21.45 5.87
N GLU A 176 12.69 -22.17 6.72
CA GLU A 176 13.92 -22.88 6.32
C GLU A 176 13.67 -23.85 5.18
N GLN A 177 12.57 -24.59 5.31
CA GLN A 177 12.08 -25.53 4.31
C GLN A 177 11.90 -24.83 2.96
N LEU A 178 11.27 -23.66 3.00
CA LEU A 178 10.98 -22.96 1.78
C LEU A 178 12.27 -22.37 1.19
N GLN A 179 13.12 -21.82 2.06
CA GLN A 179 14.40 -21.24 1.68
C GLN A 179 15.26 -22.28 0.95
N TYR A 180 15.42 -23.43 1.59
CA TYR A 180 16.13 -24.54 1.01
C TYR A 180 15.62 -24.94 -0.37
N ASN A 181 14.31 -24.99 -0.57
CA ASN A 181 13.81 -25.36 -1.88
C ASN A 181 14.13 -24.33 -2.92
N LEU A 182 14.11 -23.07 -2.50
CA LEU A 182 14.48 -21.96 -3.38
C LEU A 182 15.98 -21.94 -3.65
N GLU A 183 16.76 -22.41 -2.68
CA GLU A 183 18.19 -22.53 -2.87
C GLU A 183 18.51 -23.59 -3.88
N LEU A 184 17.87 -24.74 -3.78
CA LEU A 184 18.05 -25.80 -4.77
C LEU A 184 17.65 -25.32 -6.16
N ALA A 185 16.52 -24.63 -6.23
CA ALA A 185 15.99 -24.09 -7.48
C ALA A 185 16.99 -23.12 -8.12
N PHE A 186 17.53 -22.22 -7.30
CA PHE A 186 18.47 -21.25 -7.80
C PHE A 186 19.72 -21.95 -8.36
N HIS A 187 20.23 -22.90 -7.60
CA HIS A 187 21.46 -23.57 -7.95
C HIS A 187 21.29 -24.52 -9.14
N HIS A 188 20.16 -25.20 -9.19
CA HIS A 188 19.84 -26.06 -10.32
C HIS A 188 19.77 -25.25 -11.63
N HIS A 189 19.11 -24.11 -11.57
CA HIS A 189 18.96 -23.27 -12.76
C HIS A 189 20.28 -22.64 -13.23
N LEU A 190 21.15 -22.29 -12.28
CA LEU A 190 22.51 -21.85 -12.64
C LEU A 190 23.27 -22.93 -13.42
N CYS A 191 23.15 -24.17 -12.97
CA CYS A 191 23.77 -25.29 -13.67
C CYS A 191 23.28 -25.42 -15.06
N LYS A 192 21.96 -25.45 -15.16
CA LYS A 192 21.28 -25.59 -16.42
C LYS A 192 21.65 -24.54 -17.45
N THR A 193 21.86 -23.30 -17.00
CA THR A 193 22.21 -22.18 -17.87
C THR A 193 23.72 -21.84 -17.94
N HIS A 194 24.57 -22.68 -17.32
CA HIS A 194 26.04 -22.50 -17.31
C HIS A 194 26.46 -21.17 -16.69
N ARG A 195 25.78 -20.79 -15.61
CA ARG A 195 25.97 -19.53 -14.93
C ARG A 195 26.44 -19.67 -13.46
N GLN A 196 26.96 -20.84 -13.10
CA GLN A 196 27.61 -21.08 -11.80
C GLN A 196 28.55 -19.96 -11.36
N SER A 197 29.26 -19.38 -12.32
CA SER A 197 30.21 -18.31 -12.03
C SER A 197 29.64 -17.09 -11.28
N ILE A 198 28.35 -16.82 -11.36
CA ILE A 198 27.87 -15.61 -10.70
C ILE A 198 27.81 -15.72 -9.19
N LEU A 199 27.70 -16.94 -8.65
CA LEU A 199 27.56 -17.10 -7.20
C LEU A 199 28.66 -16.37 -6.43
N ALA A 200 29.92 -16.63 -6.78
CA ALA A 200 31.04 -16.01 -6.11
C ALA A 200 31.11 -14.47 -6.27
N LYS A 201 30.41 -13.92 -7.27
CA LYS A 201 30.46 -12.47 -7.56
C LYS A 201 29.25 -11.71 -7.06
N LEU A 202 28.32 -12.39 -6.43
CA LEU A 202 27.16 -11.74 -5.83
C LEU A 202 27.60 -10.95 -4.63
N PRO A 203 26.82 -9.93 -4.27
CA PRO A 203 27.22 -9.12 -3.14
C PRO A 203 26.94 -9.90 -1.87
N PRO A 204 27.71 -9.64 -0.80
CA PRO A 204 27.36 -10.28 0.48
C PRO A 204 26.02 -9.74 1.00
N LYS A 205 25.20 -10.60 1.58
CA LYS A 205 23.88 -10.20 2.15
C LYS A 205 23.96 -9.04 3.16
N GLY A 206 25.09 -8.92 3.87
CA GLY A 206 25.37 -7.78 4.76
C GLY A 206 25.49 -6.43 4.06
N LYS A 207 26.11 -6.43 2.88
CA LYS A 207 26.25 -5.21 2.04
C LYS A 207 24.89 -4.67 1.66
N LEU A 208 24.06 -5.56 1.14
CA LEU A 208 22.71 -5.27 0.73
C LEU A 208 21.89 -4.76 1.93
N ARG A 209 22.07 -5.38 3.09
CA ARG A 209 21.38 -4.94 4.30
C ARG A 209 21.81 -3.55 4.75
N SER A 210 23.12 -3.35 4.93
CA SER A 210 23.67 -2.05 5.38
C SER A 210 23.23 -0.86 4.48
N LEU A 211 23.22 -1.10 3.17
CA LEU A 211 22.83 -0.11 2.18
C LEU A 211 21.35 0.29 2.30
N CYS A 212 20.47 -0.67 2.63
CA CYS A 212 19.06 -0.35 2.88
C CYS A 212 18.79 0.36 4.20
N SER A 213 19.53 0.02 5.25
CA SER A 213 19.46 0.74 6.54
C SER A 213 19.84 2.20 6.39
N GLN A 214 20.90 2.47 5.61
CA GLN A 214 21.34 3.82 5.34
C GLN A 214 20.26 4.59 4.59
N HIS A 215 19.68 3.96 3.55
CA HIS A 215 18.51 4.54 2.84
C HIS A 215 17.35 4.85 3.81
N VAL A 216 16.94 3.87 4.63
CA VAL A 216 15.85 4.03 5.64
C VAL A 216 16.05 5.22 6.61
N GLU A 217 17.29 5.45 7.04
CA GLU A 217 17.63 6.63 7.85
C GLU A 217 17.30 8.02 7.22
N ARG A 218 17.00 8.08 5.91
CA ARG A 218 16.83 9.35 5.15
C ARG A 218 15.60 9.29 4.23
N ALA B 1 -5.42 14.17 32.01
CA ALA B 1 -5.74 15.04 30.84
C ALA B 1 -7.06 15.77 31.09
N SER B 2 -6.99 17.07 31.41
CA SER B 2 -8.20 17.91 31.53
C SER B 2 -8.90 18.25 30.18
N LEU B 3 -9.95 19.05 30.27
CA LEU B 3 -10.83 19.39 29.15
C LEU B 3 -10.20 20.26 28.07
N THR B 4 -9.28 21.15 28.46
CA THR B 4 -8.53 21.95 27.48
C THR B 4 -7.59 21.10 26.62
N GLU B 5 -7.02 20.05 27.21
CA GLU B 5 -6.26 19.06 26.45
C GLU B 5 -7.13 18.28 25.47
N ILE B 6 -8.34 17.93 25.91
CA ILE B 6 -9.31 17.24 25.06
C ILE B 6 -9.76 18.06 23.84
N GLU B 7 -9.91 19.38 23.98
CA GLU B 7 -10.19 20.24 22.83
C GLU B 7 -9.08 20.18 21.76
N HIS B 8 -7.84 20.08 22.22
CA HIS B 8 -6.69 19.98 21.34
C HIS B 8 -6.65 18.64 20.64
N LEU B 9 -7.13 17.59 21.31
CA LEU B 9 -7.27 16.29 20.69
C LEU B 9 -8.30 16.34 19.58
N VAL B 10 -9.48 16.89 19.89
CA VAL B 10 -10.53 17.12 18.89
C VAL B 10 -9.95 17.81 17.64
N GLN B 11 -9.36 18.97 17.87
CA GLN B 11 -8.81 19.77 16.79
C GLN B 11 -7.79 18.99 15.96
N SER B 12 -6.97 18.24 16.68
CA SER B 12 -5.94 17.42 16.05
C SER B 12 -6.53 16.34 15.15
N VAL B 13 -7.57 15.67 15.64
CA VAL B 13 -8.25 14.61 14.90
C VAL B 13 -8.92 15.17 13.67
N CYS B 14 -9.68 16.27 13.83
CA CYS B 14 -10.35 16.95 12.71
C CYS B 14 -9.38 17.46 11.66
N LYS B 15 -8.22 17.91 12.10
CA LYS B 15 -7.18 18.32 11.17
C LYS B 15 -6.60 17.13 10.41
N SER B 16 -6.32 16.04 11.11
CA SER B 16 -5.78 14.82 10.46
C SER B 16 -6.76 14.21 9.47
N TYR B 17 -8.05 14.25 9.81
CA TYR B 17 -9.08 13.95 8.84
C TYR B 17 -9.08 14.86 7.61
N ARG B 18 -8.93 16.16 7.80
CA ARG B 18 -8.99 17.11 6.68
C ARG B 18 -7.87 16.88 5.69
N GLU B 19 -6.69 16.52 6.20
CA GLU B 19 -5.52 16.28 5.37
C GLU B 19 -5.56 14.93 4.67
N THR B 20 -6.42 14.02 5.12
CA THR B 20 -6.49 12.65 4.54
C THR B 20 -7.88 12.27 4.03
N CYS B 21 -8.78 13.24 3.82
CA CYS B 21 -10.18 12.92 3.51
C CYS B 21 -10.37 12.56 2.07
N GLN B 22 -9.32 12.67 1.25
CA GLN B 22 -9.26 12.08 -0.07
C GLN B 22 -9.96 12.93 -1.12
N LEU B 23 -11.22 13.26 -0.91
CA LEU B 23 -11.91 14.28 -1.71
C LEU B 23 -12.53 15.29 -0.77
N ARG B 24 -12.43 16.56 -1.16
CA ARG B 24 -12.99 17.66 -0.37
C ARG B 24 -14.53 17.60 -0.51
N LEU B 25 -15.24 17.80 0.60
CA LEU B 25 -16.72 17.82 0.61
C LEU B 25 -17.32 18.79 -0.40
N GLU B 26 -16.75 19.99 -0.52
CA GLU B 26 -17.31 21.01 -1.39
C GLU B 26 -17.21 20.53 -2.84
N ASP B 27 -16.18 19.73 -3.15
CA ASP B 27 -16.04 19.15 -4.49
C ASP B 27 -17.09 18.08 -4.80
N LEU B 28 -17.32 17.19 -3.86
CA LEU B 28 -18.33 16.15 -4.04
C LEU B 28 -19.74 16.76 -4.18
N LEU B 29 -20.06 17.74 -3.33
CA LEU B 29 -21.37 18.42 -3.37
C LEU B 29 -21.64 19.14 -4.69
N ARG B 30 -20.62 19.73 -5.29
CA ARG B 30 -20.82 20.49 -6.54
C ARG B 30 -20.86 19.58 -7.79
N GLN B 31 -20.15 18.45 -7.72
CA GLN B 31 -20.20 17.42 -8.76
C GLN B 31 -21.52 16.62 -8.85
N ARG B 32 -22.47 16.86 -7.94
CA ARG B 32 -23.78 16.15 -7.90
C ARG B 32 -24.61 16.26 -9.16
N SER B 33 -24.56 17.41 -9.82
CA SER B 33 -25.27 17.60 -11.10
C SER B 33 -24.64 16.77 -12.23
N ASN B 34 -23.39 16.37 -12.07
CA ASN B 34 -22.70 15.54 -13.04
C ASN B 34 -23.01 14.04 -12.77
N ILE B 35 -23.91 13.48 -13.59
CA ILE B 35 -24.49 12.16 -13.39
C ILE B 35 -24.19 11.33 -14.63
N PHE B 36 -23.71 10.09 -14.47
CA PHE B 36 -23.49 9.19 -15.61
C PHE B 36 -24.77 9.05 -16.42
N SER B 37 -24.63 9.23 -17.74
CA SER B 37 -25.70 9.01 -18.70
C SER B 37 -26.10 7.54 -18.78
N ARG B 38 -27.24 7.27 -19.41
CA ARG B 38 -27.72 5.91 -19.71
C ARG B 38 -26.73 5.06 -20.49
N GLU B 39 -26.04 5.67 -21.45
CA GLU B 39 -25.06 4.96 -22.28
C GLU B 39 -23.82 4.71 -21.44
N GLU B 40 -23.39 5.68 -20.66
CA GLU B 40 -22.24 5.45 -19.78
C GLU B 40 -22.47 4.27 -18.79
N VAL B 41 -23.66 4.23 -18.16
CA VAL B 41 -24.01 3.19 -17.20
C VAL B 41 -23.94 1.81 -17.85
N THR B 42 -24.65 1.67 -18.98
CA THR B 42 -24.60 0.50 -19.82
C THR B 42 -23.18 0.04 -20.11
N GLY B 43 -22.29 1.00 -20.34
CA GLY B 43 -20.87 0.73 -20.57
C GLY B 43 -20.23 0.00 -19.42
N TYR B 44 -20.51 0.46 -18.20
CA TYR B 44 -20.03 -0.20 -16.98
C TYR B 44 -20.69 -1.55 -16.76
N GLN B 45 -21.98 -1.63 -17.07
CA GLN B 45 -22.71 -2.89 -16.94
C GLN B 45 -22.23 -3.99 -17.89
N ARG B 46 -21.66 -3.59 -19.02
CA ARG B 46 -21.15 -4.52 -19.99
C ARG B 46 -19.78 -5.05 -19.61
N LYS B 47 -19.09 -4.33 -18.74
CA LYS B 47 -17.76 -4.75 -18.34
C LYS B 47 -17.77 -6.11 -17.63
N SER B 48 -16.67 -6.84 -17.76
CA SER B 48 -16.51 -8.11 -17.08
C SER B 48 -16.54 -7.94 -15.54
N MET B 49 -17.11 -8.91 -14.82
CA MET B 49 -16.91 -8.98 -13.37
C MET B 49 -15.41 -8.77 -13.00
N TRP B 50 -14.50 -9.39 -13.75
CA TRP B 50 -13.06 -9.22 -13.50
C TRP B 50 -12.54 -7.79 -13.67
N GLU B 51 -13.01 -7.06 -14.67
CA GLU B 51 -12.58 -5.65 -14.79
C GLU B 51 -13.12 -4.83 -13.63
N MET B 52 -14.40 -5.00 -13.30
CA MET B 52 -15.01 -4.23 -12.22
C MET B 52 -14.45 -4.60 -10.84
N TRP B 53 -14.13 -5.86 -10.62
CA TRP B 53 -13.36 -6.26 -9.43
C TRP B 53 -12.03 -5.53 -9.36
N GLU B 54 -11.34 -5.45 -10.50
CA GLU B 54 -10.03 -4.78 -10.57
C GLU B 54 -10.10 -3.31 -10.24
N ARG B 55 -11.08 -2.61 -10.81
CA ARG B 55 -11.23 -1.18 -10.57
C ARG B 55 -11.60 -0.92 -9.15
N CYS B 56 -12.58 -1.66 -8.65
CA CYS B 56 -13.06 -1.50 -7.29
C CYS B 56 -11.97 -1.80 -6.29
N ALA B 57 -11.12 -2.79 -6.54
CA ALA B 57 -9.96 -3.08 -5.65
C ALA B 57 -8.94 -1.99 -5.69
N HIS B 58 -8.77 -1.38 -6.85
CA HIS B 58 -7.89 -0.23 -6.98
C HIS B 58 -8.42 0.93 -6.14
N HIS B 59 -9.67 1.33 -6.36
CA HIS B 59 -10.28 2.41 -5.57
C HIS B 59 -10.29 2.12 -4.07
N LEU B 60 -10.64 0.90 -3.70
CA LEU B 60 -10.60 0.48 -2.32
C LEU B 60 -9.20 0.55 -1.73
N THR B 61 -8.20 0.14 -2.48
CA THR B 61 -6.84 0.15 -1.99
C THR B 61 -6.42 1.57 -1.74
N GLU B 62 -6.72 2.44 -2.69
CA GLU B 62 -6.50 3.87 -2.55
C GLU B 62 -7.17 4.45 -1.30
N ALA B 63 -8.41 4.07 -1.04
CA ALA B 63 -9.15 4.62 0.07
C ALA B 63 -8.54 4.20 1.41
N ILE B 64 -8.12 2.94 1.47
CA ILE B 64 -7.47 2.40 2.64
C ILE B 64 -6.13 3.11 2.93
N GLN B 65 -5.39 3.45 1.88
CA GLN B 65 -4.12 4.15 2.06
C GLN B 65 -4.35 5.47 2.83
N TYR B 66 -5.39 6.20 2.44
CA TYR B 66 -5.81 7.44 3.13
C TYR B 66 -6.24 7.18 4.56
N VAL B 67 -6.94 6.08 4.81
CA VAL B 67 -7.29 5.71 6.17
C VAL B 67 -6.05 5.40 6.98
N VAL B 68 -5.09 4.70 6.39
CA VAL B 68 -3.84 4.42 7.10
C VAL B 68 -3.15 5.74 7.43
N GLU B 69 -3.08 6.63 6.46
CA GLU B 69 -2.40 7.91 6.66
C GLU B 69 -3.14 8.79 7.71
N PHE B 70 -4.47 8.64 7.78
CA PHE B 70 -5.27 9.21 8.85
C PHE B 70 -4.83 8.69 10.22
N ALA B 71 -4.78 7.37 10.36
CA ALA B 71 -4.42 6.69 11.63
C ALA B 71 -3.06 7.13 12.12
N LYS B 72 -2.12 7.21 11.18
CA LYS B 72 -0.75 7.65 11.44
C LYS B 72 -0.68 9.05 12.03
N ARG B 73 -1.55 9.95 11.56
CA ARG B 73 -1.61 11.30 12.12
C ARG B 73 -2.35 11.39 13.46
N LEU B 74 -2.93 10.31 13.97
CA LEU B 74 -3.53 10.32 15.32
C LEU B 74 -2.51 10.20 16.44
N SER B 75 -2.63 11.09 17.43
CA SER B 75 -1.75 11.14 18.61
C SER B 75 -1.87 9.83 19.39
N GLY B 76 -0.76 9.17 19.64
CA GLY B 76 -0.79 7.94 20.41
C GLY B 76 -0.83 6.71 19.55
N PHE B 77 -1.52 6.77 18.41
CA PHE B 77 -1.51 5.65 17.49
C PHE B 77 -0.08 5.24 17.12
N MET B 78 0.78 6.22 16.83
CA MET B 78 2.20 5.96 16.55
C MET B 78 2.98 5.48 17.78
N GLU B 79 2.61 5.98 18.96
CA GLU B 79 3.13 5.42 20.19
C GLU B 79 2.73 3.94 20.44
N LEU B 80 1.60 3.49 19.91
CA LEU B 80 1.23 2.06 19.99
C LEU B 80 2.26 1.16 19.31
N CYS B 81 2.31 -0.08 19.75
CA CYS B 81 3.27 -1.01 19.22
C CYS B 81 2.86 -1.54 17.84
N GLN B 82 3.83 -2.14 17.17
CA GLN B 82 3.74 -2.61 15.80
C GLN B 82 2.58 -3.56 15.62
N ASN B 83 2.45 -4.52 16.53
CA ASN B 83 1.38 -5.52 16.45
C ASN B 83 0.02 -4.85 16.52
N ASP B 84 -0.20 -4.09 17.59
CA ASP B 84 -1.47 -3.39 17.82
C ASP B 84 -1.87 -2.49 16.64
N GLN B 85 -0.90 -1.77 16.08
CA GLN B 85 -1.16 -0.91 14.94
C GLN B 85 -1.71 -1.69 13.76
N ILE B 86 -1.12 -2.84 13.48
CA ILE B 86 -1.55 -3.66 12.36
C ILE B 86 -2.90 -4.31 12.65
N VAL B 87 -3.08 -4.77 13.88
CA VAL B 87 -4.34 -5.37 14.34
C VAL B 87 -5.49 -4.38 14.13
N LEU B 88 -5.33 -3.15 14.61
CA LEU B 88 -6.42 -2.17 14.53
C LEU B 88 -6.77 -1.79 13.09
N LEU B 89 -5.73 -1.62 12.27
CA LEU B 89 -5.90 -1.26 10.84
C LEU B 89 -6.54 -2.40 10.04
N LYS B 90 -6.09 -3.64 10.25
CA LYS B 90 -6.72 -4.81 9.61
C LYS B 90 -8.21 -4.88 9.94
N ALA B 91 -8.57 -4.70 11.21
CA ALA B 91 -9.96 -4.82 11.62
C ALA B 91 -10.82 -3.60 11.24
N GLY B 92 -10.21 -2.42 11.13
CA GLY B 92 -10.95 -1.16 11.03
C GLY B 92 -10.95 -0.37 9.73
N ALA B 93 -9.89 -0.50 8.94
CA ALA B 93 -9.71 0.38 7.77
C ALA B 93 -10.94 0.35 6.84
N MET B 94 -11.42 -0.85 6.52
CA MET B 94 -12.60 -1.01 5.66
C MET B 94 -13.86 -0.40 6.24
N GLU B 95 -14.04 -0.61 7.52
CA GLU B 95 -15.18 -0.02 8.19
C GLU B 95 -15.11 1.51 8.04
N VAL B 96 -13.91 2.10 8.10
CA VAL B 96 -13.77 3.55 7.95
C VAL B 96 -14.12 4.00 6.55
N VAL B 97 -13.71 3.23 5.55
CA VAL B 97 -14.02 3.55 4.18
C VAL B 97 -15.52 3.54 3.96
N LEU B 98 -16.21 2.55 4.53
CA LEU B 98 -17.66 2.47 4.41
C LEU B 98 -18.37 3.67 5.03
N VAL B 99 -17.92 4.12 6.20
CA VAL B 99 -18.46 5.31 6.86
C VAL B 99 -18.17 6.56 6.01
N ARG B 100 -16.92 6.68 5.55
CA ARG B 100 -16.50 7.77 4.64
C ARG B 100 -17.28 7.85 3.33
N MET B 101 -17.92 6.77 2.91
CA MET B 101 -18.65 6.79 1.65
C MET B 101 -19.89 7.68 1.69
N CYS B 102 -20.47 7.90 2.88
CA CYS B 102 -21.67 8.70 2.97
C CYS B 102 -21.49 10.13 2.41
N ARG B 103 -20.29 10.65 2.48
CA ARG B 103 -19.96 11.94 1.89
C ARG B 103 -20.10 11.95 0.38
N ALA B 104 -19.69 10.89 -0.28
CA ALA B 104 -19.86 10.76 -1.75
C ALA B 104 -21.25 10.28 -2.19
N TYR B 105 -22.20 10.14 -1.28
CA TYR B 105 -23.52 9.62 -1.60
C TYR B 105 -24.62 10.72 -1.63
N ASN B 106 -25.41 10.76 -2.71
CA ASN B 106 -26.49 11.69 -2.83
C ASN B 106 -27.82 10.99 -2.56
N ALA B 107 -28.41 11.33 -1.41
CA ALA B 107 -29.72 10.81 -0.99
C ALA B 107 -30.91 11.30 -1.81
N ASP B 108 -30.75 12.40 -2.54
CA ASP B 108 -31.83 12.93 -3.38
C ASP B 108 -32.19 12.00 -4.54
N ASN B 109 -31.17 11.35 -5.12
CA ASN B 109 -31.36 10.42 -6.25
C ASN B 109 -30.69 9.04 -6.06
N ARG B 110 -30.21 8.73 -4.85
CA ARG B 110 -29.65 7.40 -4.54
C ARG B 110 -28.45 7.03 -5.40
N THR B 111 -27.57 7.99 -5.65
CA THR B 111 -26.33 7.80 -6.43
C THR B 111 -25.07 8.01 -5.58
N VAL B 112 -23.92 7.55 -6.09
CA VAL B 112 -22.62 7.71 -5.44
C VAL B 112 -21.58 8.14 -6.47
N PHE B 113 -20.56 8.87 -6.00
CA PHE B 113 -19.49 9.35 -6.85
C PHE B 113 -18.56 8.17 -7.15
N PHE B 114 -18.28 7.95 -8.42
CA PHE B 114 -17.46 6.84 -8.86
C PHE B 114 -16.80 7.23 -10.15
N GLU B 115 -15.48 7.29 -10.13
CA GLU B 115 -14.68 7.66 -11.32
C GLU B 115 -15.19 8.91 -12.03
N GLY B 116 -15.37 9.98 -11.27
CA GLY B 116 -15.61 11.30 -11.88
C GLY B 116 -17.05 11.75 -12.06
N LYS B 117 -18.01 10.85 -11.81
CA LYS B 117 -19.44 11.17 -11.90
C LYS B 117 -20.26 10.37 -10.89
N TYR B 118 -21.52 10.77 -10.72
CA TYR B 118 -22.44 10.08 -9.83
C TYR B 118 -23.22 9.06 -10.62
N GLY B 119 -23.33 7.85 -10.05
CA GLY B 119 -24.24 6.84 -10.60
C GLY B 119 -24.93 6.01 -9.55
N GLY B 120 -26.00 5.35 -9.94
CA GLY B 120 -26.72 4.46 -9.03
C GLY B 120 -26.08 3.11 -8.82
N MET B 121 -26.66 2.31 -7.94
CA MET B 121 -26.18 0.95 -7.69
C MET B 121 -26.21 0.00 -8.91
N GLU B 122 -27.09 0.27 -9.86
CA GLU B 122 -27.08 -0.45 -11.15
C GLU B 122 -25.74 -0.38 -11.92
N LEU B 123 -24.91 0.57 -11.58
CA LEU B 123 -23.61 0.75 -12.21
C LEU B 123 -22.64 -0.40 -11.94
N PHE B 124 -22.87 -1.13 -10.83
CA PHE B 124 -22.05 -2.25 -10.38
C PHE B 124 -22.72 -3.59 -10.68
N ARG B 125 -23.65 -3.61 -11.61
CA ARG B 125 -24.35 -4.83 -12.05
CA ARG B 125 -24.35 -4.84 -12.01
C ARG B 125 -23.41 -6.02 -12.33
N ALA B 126 -22.28 -5.76 -13.00
CA ALA B 126 -21.38 -6.86 -13.42
C ALA B 126 -20.78 -7.64 -12.28
N LEU B 127 -20.55 -6.97 -11.15
CA LEU B 127 -20.09 -7.63 -9.94
C LEU B 127 -20.97 -8.78 -9.46
N GLY B 128 -22.27 -8.73 -9.77
CA GLY B 128 -23.18 -9.83 -9.48
C GLY B 128 -23.45 -10.02 -8.01
N CYS B 129 -23.61 -8.94 -7.27
CA CYS B 129 -24.01 -9.07 -5.88
C CYS B 129 -24.75 -7.82 -5.49
N SER B 130 -25.93 -7.71 -6.09
CA SER B 130 -26.84 -6.60 -5.87
C SER B 130 -27.42 -6.55 -4.44
N GLU B 131 -27.49 -7.68 -3.73
CA GLU B 131 -27.94 -7.65 -2.33
C GLU B 131 -26.95 -6.84 -1.50
N LEU B 132 -25.66 -7.18 -1.61
CA LEU B 132 -24.62 -6.50 -0.84
C LEU B 132 -24.56 -4.99 -1.12
N ILE B 133 -24.45 -4.68 -2.39
CA ILE B 133 -24.37 -3.31 -2.87
C ILE B 133 -25.58 -2.48 -2.49
N SER B 134 -26.79 -3.03 -2.58
CA SER B 134 -27.96 -2.23 -2.19
C SER B 134 -27.95 -1.98 -0.67
N SER B 135 -27.52 -2.97 0.12
CA SER B 135 -27.45 -2.76 1.55
C SER B 135 -26.33 -1.76 1.87
N ILE B 136 -25.25 -1.76 1.11
CA ILE B 136 -24.23 -0.70 1.25
C ILE B 136 -24.77 0.68 0.89
N PHE B 137 -25.50 0.76 -0.21
CA PHE B 137 -26.25 1.97 -0.54
C PHE B 137 -27.28 2.37 0.53
N ASP B 138 -27.94 1.40 1.15
CA ASP B 138 -28.87 1.65 2.27
C ASP B 138 -28.17 2.20 3.50
N PHE B 139 -27.06 1.60 3.85
CA PHE B 139 -26.27 2.08 4.98
C PHE B 139 -25.85 3.54 4.79
N SER B 140 -25.39 3.87 3.59
CA SER B 140 -24.98 5.24 3.29
C SER B 140 -26.17 6.18 3.33
N HIS B 141 -27.34 5.68 2.90
CA HIS B 141 -28.56 6.47 2.88
C HIS B 141 -28.97 6.84 4.30
N SER B 142 -28.91 5.87 5.21
CA SER B 142 -29.24 6.12 6.60
C SER B 142 -28.21 7.03 7.28
N LEU B 143 -26.95 6.93 6.88
CA LEU B 143 -25.94 7.85 7.41
C LEU B 143 -26.14 9.25 6.87
N SER B 144 -26.47 9.37 5.58
CA SER B 144 -26.66 10.69 4.96
C SER B 144 -27.83 11.47 5.55
N ALA B 145 -28.85 10.77 6.04
CA ALA B 145 -29.99 11.40 6.78
C ALA B 145 -29.58 12.09 8.09
N LEU B 146 -28.43 11.73 8.65
CA LEU B 146 -27.87 12.44 9.79
C LEU B 146 -27.22 13.78 9.44
N HIS B 147 -26.90 14.01 8.17
CA HIS B 147 -26.08 15.15 7.74
C HIS B 147 -24.83 15.27 8.61
N PHE B 148 -24.13 14.16 8.71
CA PHE B 148 -22.84 14.10 9.37
C PHE B 148 -21.93 15.24 8.94
N SER B 149 -21.39 16.00 9.88
CA SER B 149 -20.36 17.01 9.55
C SER B 149 -19.01 16.35 9.34
N GLU B 150 -18.05 17.10 8.83
CA GLU B 150 -16.72 16.55 8.58
C GLU B 150 -16.03 16.20 9.90
N ASP B 151 -16.26 17.00 10.93
CA ASP B 151 -15.68 16.75 12.24
C ASP B 151 -16.32 15.56 12.96
N GLU B 152 -17.64 15.37 12.79
CA GLU B 152 -18.35 14.19 13.34
C GLU B 152 -17.77 12.91 12.75
N ILE B 153 -17.67 12.87 11.42
CA ILE B 153 -17.06 11.75 10.70
C ILE B 153 -15.61 11.54 11.17
N ALA B 154 -14.86 12.62 11.37
CA ALA B 154 -13.48 12.52 11.82
C ALA B 154 -13.38 11.81 13.17
N LEU B 155 -14.15 12.32 14.12
CA LEU B 155 -14.20 11.74 15.48
C LEU B 155 -14.73 10.30 15.51
N TYR B 156 -15.82 10.06 14.76
CA TYR B 156 -16.45 8.74 14.72
C TYR B 156 -15.50 7.69 14.10
N THR B 157 -14.85 8.03 13.00
CA THR B 157 -13.96 7.10 12.36
C THR B 157 -12.69 6.87 13.15
N ALA B 158 -12.22 7.83 13.94
CA ALA B 158 -11.15 7.55 14.88
C ALA B 158 -11.53 6.46 15.88
N LEU B 159 -12.78 6.49 16.35
CA LEU B 159 -13.30 5.49 17.28
C LEU B 159 -13.55 4.13 16.61
N VAL B 160 -13.89 4.15 15.34
CA VAL B 160 -14.05 2.93 14.60
C VAL B 160 -12.69 2.20 14.66
N LEU B 161 -11.62 2.95 14.38
CA LEU B 161 -10.25 2.44 14.45
C LEU B 161 -9.72 2.10 15.84
N ILE B 162 -9.83 3.04 16.78
CA ILE B 162 -9.26 2.85 18.10
C ILE B 162 -10.29 2.14 18.97
N ASN B 163 -10.28 0.81 18.89
CA ASN B 163 -11.24 -0.03 19.60
C ASN B 163 -10.44 -1.10 20.31
N ALA B 164 -10.48 -1.07 21.64
CA ALA B 164 -9.73 -1.97 22.47
C ALA B 164 -10.29 -3.39 22.55
N HIS B 165 -11.40 -3.68 21.86
CA HIS B 165 -11.97 -5.03 21.87
C HIS B 165 -11.57 -5.87 20.66
N ARG B 166 -10.75 -5.34 19.76
CA ARG B 166 -10.20 -6.12 18.65
C ARG B 166 -9.33 -7.29 19.21
N PRO B 167 -9.61 -8.54 18.79
CA PRO B 167 -8.75 -9.68 19.15
C PRO B 167 -7.32 -9.56 18.59
N GLY B 168 -6.30 -9.90 19.38
CA GLY B 168 -4.91 -9.93 18.92
C GLY B 168 -3.99 -8.85 19.49
N LEU B 169 -4.55 -7.92 20.28
CA LEU B 169 -3.80 -6.80 20.82
C LEU B 169 -2.92 -7.27 21.97
N GLN B 170 -1.70 -6.75 22.03
CA GLN B 170 -0.76 -7.08 23.10
C GLN B 170 -0.77 -6.07 24.22
N GLU B 171 -1.04 -4.81 23.91
CA GLU B 171 -1.14 -3.78 24.94
C GLU B 171 -2.54 -3.16 24.93
N LYS B 172 -3.50 -3.98 25.33
CA LYS B 172 -4.91 -3.62 25.44
C LYS B 172 -5.14 -2.43 26.38
N ARG B 173 -4.34 -2.29 27.42
CA ARG B 173 -4.45 -1.12 28.32
C ARG B 173 -4.14 0.20 27.58
N LYS B 174 -3.15 0.22 26.69
CA LYS B 174 -2.77 1.48 26.01
C LYS B 174 -3.79 1.95 24.99
N VAL B 175 -4.40 0.99 24.27
CA VAL B 175 -5.47 1.27 23.32
C VAL B 175 -6.75 1.79 24.03
N GLU B 176 -7.07 1.22 25.19
CA GLU B 176 -8.15 1.72 26.05
C GLU B 176 -8.02 3.20 26.42
N GLN B 177 -6.83 3.56 26.88
CA GLN B 177 -6.48 4.94 27.15
C GLN B 177 -6.81 5.83 25.97
N LEU B 178 -6.34 5.48 24.78
CA LEU B 178 -6.65 6.29 23.61
C LEU B 178 -8.14 6.31 23.37
N GLN B 179 -8.77 5.14 23.44
CA GLN B 179 -10.18 5.03 23.12
C GLN B 179 -11.02 5.96 24.00
N TYR B 180 -10.86 5.87 25.31
CA TYR B 180 -11.70 6.61 26.26
C TYR B 180 -11.55 8.12 26.11
N ASN B 181 -10.33 8.59 25.86
CA ASN B 181 -10.08 10.00 25.59
C ASN B 181 -10.79 10.44 24.35
N LEU B 182 -10.83 9.54 23.35
CA LEU B 182 -11.52 9.82 22.09
C LEU B 182 -13.03 9.83 22.28
N GLU B 183 -13.53 8.91 23.11
CA GLU B 183 -14.93 8.90 23.44
C GLU B 183 -15.32 10.21 24.09
N LEU B 184 -14.50 10.65 25.03
CA LEU B 184 -14.76 11.89 25.73
C LEU B 184 -14.76 13.02 24.71
N ALA B 185 -13.73 13.06 23.87
CA ALA B 185 -13.56 14.10 22.84
C ALA B 185 -14.79 14.21 21.97
N PHE B 186 -15.24 13.07 21.46
CA PHE B 186 -16.43 13.01 20.63
C PHE B 186 -17.69 13.56 21.36
N HIS B 187 -17.93 13.13 22.60
CA HIS B 187 -19.07 13.58 23.42
C HIS B 187 -18.99 15.07 23.79
N HIS B 188 -17.79 15.52 24.15
CA HIS B 188 -17.57 16.94 24.41
C HIS B 188 -17.91 17.80 23.21
N HIS B 189 -17.42 17.40 22.03
CA HIS B 189 -17.67 18.13 20.79
C HIS B 189 -19.12 18.17 20.35
N LEU B 190 -19.83 17.06 20.55
CA LEU B 190 -21.27 17.02 20.25
C LEU B 190 -22.03 18.00 21.11
N CYS B 191 -21.58 18.21 22.35
CA CYS B 191 -22.24 19.16 23.25
C CYS B 191 -21.96 20.59 22.82
N LYS B 192 -20.68 20.91 22.58
CA LYS B 192 -20.24 22.21 22.02
C LYS B 192 -21.06 22.66 20.77
N THR B 193 -21.43 21.70 19.94
CA THR B 193 -22.17 21.93 18.69
C THR B 193 -23.67 21.57 18.74
N HIS B 194 -24.20 21.25 19.91
CA HIS B 194 -25.62 20.91 20.07
C HIS B 194 -26.11 19.75 19.19
N ARG B 195 -25.24 18.77 19.01
CA ARG B 195 -25.52 17.60 18.17
C ARG B 195 -25.50 16.26 18.97
N GLN B 196 -25.74 16.34 20.27
CA GLN B 196 -25.91 15.15 21.14
C GLN B 196 -26.92 14.12 20.58
N SER B 197 -27.94 14.58 19.85
CA SER B 197 -28.98 13.68 19.37
C SER B 197 -28.55 12.61 18.36
N ILE B 198 -27.36 12.76 17.77
CA ILE B 198 -26.89 11.82 16.77
C ILE B 198 -26.41 10.51 17.36
N LEU B 199 -25.96 10.50 18.62
CA LEU B 199 -25.47 9.27 19.28
C LEU B 199 -26.46 8.13 19.20
N ALA B 200 -27.73 8.45 19.45
CA ALA B 200 -28.80 7.47 19.39
C ALA B 200 -29.11 7.00 17.97
N LYS B 201 -28.63 7.73 16.96
CA LYS B 201 -28.89 7.40 15.57
C LYS B 201 -27.73 6.76 14.87
N LEU B 202 -26.63 6.54 15.58
CA LEU B 202 -25.45 5.88 15.01
C LEU B 202 -25.72 4.38 14.83
N PRO B 203 -25.09 3.78 13.82
CA PRO B 203 -25.38 2.37 13.58
C PRO B 203 -24.78 1.53 14.71
N PRO B 204 -25.45 0.43 15.10
CA PRO B 204 -24.83 -0.47 16.09
C PRO B 204 -23.50 -1.03 15.57
N LYS B 205 -22.51 -1.18 16.45
CA LYS B 205 -21.11 -1.47 16.03
C LYS B 205 -20.95 -2.78 15.24
N GLY B 206 -21.77 -3.78 15.59
CA GLY B 206 -21.89 -5.01 14.81
C GLY B 206 -22.31 -4.82 13.35
N LYS B 207 -23.11 -3.79 13.07
CA LYS B 207 -23.58 -3.48 11.71
C LYS B 207 -22.43 -3.18 10.76
N LEU B 208 -21.49 -2.39 11.22
CA LEU B 208 -20.33 -1.99 10.42
C LEU B 208 -19.42 -3.20 10.12
N ARG B 209 -19.20 -4.04 11.14
CA ARG B 209 -18.42 -5.27 11.01
C ARG B 209 -19.06 -6.29 10.03
N SER B 210 -20.33 -6.60 10.25
CA SER B 210 -21.06 -7.57 9.42
C SER B 210 -21.09 -7.15 7.95
N LEU B 211 -21.34 -5.88 7.71
CA LEU B 211 -21.41 -5.32 6.35
C LEU B 211 -20.03 -5.30 5.64
N CYS B 212 -18.94 -5.12 6.40
CA CYS B 212 -17.59 -5.26 5.83
C CYS B 212 -17.14 -6.70 5.73
N SER B 213 -17.62 -7.58 6.62
CA SER B 213 -17.45 -9.04 6.48
C SER B 213 -18.13 -9.56 5.20
N GLN B 214 -19.38 -9.15 5.00
CA GLN B 214 -20.13 -9.50 3.79
C GLN B 214 -19.36 -9.05 2.57
N HIS B 215 -18.82 -7.82 2.61
CA HIS B 215 -18.03 -7.26 1.49
C HIS B 215 -16.79 -8.14 1.15
N VAL B 216 -16.00 -8.51 2.17
CA VAL B 216 -14.75 -9.29 1.98
C VAL B 216 -15.01 -10.71 1.48
N GLU B 217 -16.04 -11.37 2.01
CA GLU B 217 -16.34 -12.76 1.65
C GLU B 217 -16.90 -12.97 0.22
N ARG B 218 -17.42 -11.91 -0.41
CA ARG B 218 -17.90 -11.95 -1.81
C ARG B 218 -17.62 -10.66 -2.56
C5 CF7 C . 16.27 4.74 -7.59
C6 CF7 C . 15.99 5.62 -8.68
C7 CF7 C . 15.37 5.16 -9.84
C8 CF7 C . 15.08 3.79 -9.96
C10 CF7 C . 14.02 2.03 -11.36
N12 CF7 C . 13.01 1.84 -12.26
C13 CF7 C . 12.52 0.49 -12.61
C17 CF7 C . 12.11 2.93 -12.73
C21 CF7 C . 12.23 3.40 -8.05
C22 CF7 C . 12.41 2.52 -6.97
C24 CF7 C . 13.22 4.32 -5.56
C1 CF7 C . 18.73 6.86 -6.74
C2 CF7 C . 17.25 6.64 -6.34
C3 CF7 C . 16.83 7.36 -5.06
N4 CF7 C . 16.89 5.18 -6.41
N9 CF7 C . 14.32 3.31 -11.01
O11 CF7 C . 14.64 1.07 -10.91
C14 CF7 C . 11.05 0.44 -12.14
O15 CF7 C . 10.64 1.55 -11.30
C16 CF7 C . 10.95 2.91 -11.68
C18 CF7 C . 11.35 3.62 -10.39
O19 CF7 C . 11.30 4.84 -10.36
N20 CF7 C . 11.79 2.90 -9.30
C23 CF7 C . 12.90 2.97 -5.74
C25 CF7 C . 13.71 4.88 -4.31
N26 CF7 C . 14.10 5.35 -3.34
C27 CF7 C . 13.02 5.21 -6.65
CL CF7 C . 13.39 6.91 -6.46
C29 CF7 C . 12.55 4.75 -7.87
C30 CF7 C . 15.26 2.93 -8.87
C31 CF7 C . 15.88 3.36 -7.70
C32 CF7 C . 16.18 2.43 -6.58
O33 CF7 C . 15.91 1.24 -6.63
N34 CF7 C . 16.78 2.93 -5.46
C35 CF7 C . 17.03 1.91 -4.43
C36 CF7 C . 16.42 2.17 -3.05
C37 CF7 C . 15.02 1.62 -2.80
C38 CF7 C . 16.23 0.92 -2.17
C39 CF7 C . 17.12 4.27 -5.37
O40 CF7 C . 17.68 4.68 -4.34
C5 CF7 D . -18.18 2.33 -3.26
C6 CF7 D . -18.33 3.02 -4.50
C7 CF7 D . -17.98 4.38 -4.61
C8 CF7 D . -17.52 5.08 -3.45
C10 CF7 D . -16.52 7.26 -2.58
N12 CF7 D . -15.79 8.33 -2.99
C13 CF7 D . -15.16 9.30 -2.08
C17 CF7 D . -15.29 8.46 -4.36
C21 CF7 D . -14.22 4.01 -3.22
C22 CF7 D . -14.02 3.38 -1.99
C24 CF7 D . -14.72 1.26 -2.97
C1 CF7 D . -20.60 0.19 -4.34
C2 CF7 D . -19.08 0.19 -4.25
C3 CF7 D . -18.52 -1.23 -4.53
N4 CF7 D . -18.54 0.96 -3.07
N9 CF7 D . -16.98 6.38 -3.54
O11 CF7 D . -16.79 7.15 -1.41
C14 CF7 D . -13.66 8.93 -2.01
O15 CF7 D . -13.19 8.02 -3.04
C16 CF7 D . -13.90 7.75 -4.28
C18 CF7 D . -14.12 6.24 -4.39
O19 CF7 D . -14.43 5.80 -5.49
N20 CF7 D . -14.00 5.42 -3.30
C23 CF7 D . -14.26 2.02 -1.87
C25 CF7 D . -14.98 -0.16 -2.87
N26 CF7 D . -15.20 -1.28 -2.78
C27 CF7 D . -14.91 1.89 -4.20
CL CF7 D . -15.49 0.96 -5.55
C29 CF7 D . -14.67 3.24 -4.32
C30 CF7 D . -17.31 4.39 -2.25
C31 CF7 D . -17.66 3.05 -2.11
C32 CF7 D . -17.53 2.38 -0.79
O33 CF7 D . -17.11 2.96 0.22
N34 CF7 D . -17.94 1.09 -0.69
C35 CF7 D . -17.80 0.51 0.69
C36 CF7 D . -16.88 -0.71 0.84
C37 CF7 D . -15.42 -0.43 1.07
C38 CF7 D . -16.29 -0.96 2.21
C39 CF7 D . -18.41 0.39 -1.80
O40 CF7 D . -18.76 -0.79 -1.65
#